data_4YUX
#
_entry.id   4YUX
#
_cell.length_a   44.760
_cell.length_b   93.925
_cell.length_c   68.015
_cell.angle_alpha   90.00
_cell.angle_beta   100.23
_cell.angle_gamma   90.00
#
_symmetry.space_group_name_H-M   'P 1 21 1'
#
loop_
_entity.id
_entity.type
_entity.pdbx_description
1 polymer 'Spermidine synthase, putative'
2 non-polymer "5'-[(S)-(3-AMINOPROPYL)(METHYL)-LAMBDA~4~-SULFANYL]-5'-DEOXYADENOSINE"
3 non-polymer 2H-1,4-benzothiazin-3-amine
4 water water
#
_entity_poly.entity_id   1
_entity_poly.type   'polypeptide(L)'
_entity_poly.pdbx_seq_one_letter_code
;MAHHHHHHMPGSELISGGWFREENDQWPGQAMSLRVEKVLYDAPTKFQHLTIFESDPKGPWGTVMALDGCIQVTDYDEFV
YHEVLGHTSLCSHPKPERVLIIGGGDGGVLREVLRHGTVEHCDLVDIDGEVMEQSKQHFPQISRSLADPRATVRVGDGLA
FVRQTPDNTYDVVIIDTTDPAGPASKLFGEAFYKDVLRILKPDGICCNQGESIWLDLELIEKMSRFIRETGFASVQYALM
HVPTYPCGSIGTLVCSKKAGVDVTKPLRPVEDMPFAKDLKYYDSEMHKASFALPRFARHINNSE
;
_entity_poly.pdbx_strand_id   A,B
#
# COMPACT_ATOMS: atom_id res chain seq x y z
N PRO A 10 -21.60 -1.89 13.03
CA PRO A 10 -21.37 -3.33 12.85
C PRO A 10 -20.89 -4.00 14.13
N GLY A 11 -21.10 -5.30 14.19
CA GLY A 11 -20.80 -6.10 15.37
C GLY A 11 -20.63 -7.56 15.02
N SER A 12 -21.34 -8.41 15.72
CA SER A 12 -21.10 -9.84 15.60
C SER A 12 -21.44 -10.41 14.26
N GLU A 13 -22.33 -9.75 13.53
CA GLU A 13 -22.83 -10.29 12.29
C GLU A 13 -21.80 -10.29 11.18
N LEU A 14 -20.71 -9.58 11.40
CA LEU A 14 -19.62 -9.66 10.47
C LEU A 14 -18.81 -10.95 10.54
N ILE A 15 -19.01 -11.81 11.56
CA ILE A 15 -18.43 -13.12 11.56
C ILE A 15 -19.44 -14.04 10.91
N SER A 16 -19.13 -14.55 9.73
CA SER A 16 -20.21 -15.13 8.89
C SER A 16 -19.57 -16.17 8.03
N GLY A 17 -20.01 -17.45 8.11
CA GLY A 17 -19.49 -18.49 7.22
C GLY A 17 -18.00 -18.85 7.42
N GLY A 18 -17.48 -18.64 8.63
CA GLY A 18 -16.10 -19.03 8.91
C GLY A 18 -15.16 -17.88 8.51
N TRP A 19 -15.74 -16.73 8.16
CA TRP A 19 -14.92 -15.54 7.77
C TRP A 19 -15.33 -14.31 8.48
N PHE A 20 -14.38 -13.44 8.81
CA PHE A 20 -14.74 -12.11 9.21
C PHE A 20 -14.73 -11.20 8.00
N ARG A 21 -15.88 -10.58 7.76
CA ARG A 21 -16.03 -9.73 6.56
C ARG A 21 -16.20 -8.30 6.95
N GLU A 22 -15.29 -7.46 6.50
CA GLU A 22 -15.20 -6.07 6.98
C GLU A 22 -16.08 -5.16 6.13
N GLU A 23 -17.40 -5.43 6.25
CA GLU A 23 -18.43 -4.66 5.50
C GLU A 23 -18.76 -3.44 6.32
N ASN A 24 -18.77 -2.27 5.69
CA ASN A 24 -18.95 -1.04 6.37
C ASN A 24 -19.47 0.05 5.44
N ASP A 25 -20.41 0.84 5.95
CA ASP A 25 -20.88 2.05 5.20
C ASP A 25 -19.85 3.10 4.97
N GLN A 26 -18.69 2.99 5.66
CA GLN A 26 -17.58 3.90 5.42
C GLN A 26 -16.79 3.53 4.13
N TRP A 27 -17.06 2.37 3.60
CA TRP A 27 -16.43 1.94 2.31
C TRP A 27 -17.38 1.02 1.58
N PRO A 28 -18.46 1.63 1.01
CA PRO A 28 -19.49 0.84 0.42
C PRO A 28 -18.99 0.02 -0.78
N GLY A 29 -19.53 -1.18 -0.85
CA GLY A 29 -19.30 -2.05 -2.03
C GLY A 29 -18.02 -2.89 -1.99
N GLN A 30 -17.27 -2.79 -0.90
CA GLN A 30 -16.06 -3.63 -0.77
C GLN A 30 -15.93 -4.18 0.61
N ALA A 31 -15.09 -5.23 0.75
CA ALA A 31 -14.85 -5.78 2.09
C ALA A 31 -13.66 -6.70 2.08
N MET A 32 -12.64 -6.34 2.88
CA MET A 32 -11.59 -7.23 3.18
C MET A 32 -12.13 -8.37 4.10
N SER A 33 -11.76 -9.61 3.83
CA SER A 33 -12.16 -10.72 4.71
C SER A 33 -10.96 -11.54 5.14
N LEU A 34 -11.00 -12.04 6.37
CA LEU A 34 -9.99 -12.95 6.99
C LEU A 34 -10.69 -14.20 7.49
N ARG A 35 -10.13 -15.34 7.19
CA ARG A 35 -10.72 -16.60 7.64
C ARG A 35 -10.58 -16.75 9.18
N VAL A 36 -11.69 -17.17 9.83
CA VAL A 36 -11.69 -17.30 11.32
C VAL A 36 -11.39 -18.76 11.73
N GLU A 37 -10.35 -18.98 12.50
CA GLU A 37 -10.14 -20.36 13.01
C GLU A 37 -10.91 -20.49 14.35
N LYS A 38 -10.81 -19.52 15.20
CA LYS A 38 -11.53 -19.61 16.52
C LYS A 38 -11.85 -18.17 16.92
N VAL A 39 -13.12 -17.88 17.33
CA VAL A 39 -13.40 -16.56 17.98
C VAL A 39 -13.02 -16.63 19.43
N LEU A 40 -12.24 -15.63 19.91
CA LEU A 40 -11.73 -15.69 21.26
C LEU A 40 -12.58 -14.83 22.15
N TYR A 41 -13.16 -13.78 21.58
CA TYR A 41 -13.88 -12.81 22.38
C TYR A 41 -14.73 -11.97 21.47
N ASP A 42 -15.99 -11.79 21.82
CA ASP A 42 -16.89 -10.98 21.01
C ASP A 42 -17.93 -10.41 21.99
N ALA A 43 -17.94 -9.09 22.19
CA ALA A 43 -18.83 -8.55 23.29
C ALA A 43 -18.98 -7.06 23.04
N PRO A 44 -20.07 -6.48 23.48
CA PRO A 44 -20.15 -5.04 23.58
C PRO A 44 -19.32 -4.53 24.70
N THR A 45 -18.57 -3.44 24.49
CA THR A 45 -17.98 -2.72 25.62
C THR A 45 -18.93 -1.56 26.04
N LYS A 46 -18.44 -0.66 26.89
CA LYS A 46 -19.26 0.53 27.18
C LYS A 46 -19.47 1.42 25.94
N PHE A 47 -18.61 1.27 24.94
CA PHE A 47 -18.55 2.22 23.85
C PHE A 47 -18.59 1.61 22.47
N GLN A 48 -18.14 0.35 22.30
CA GLN A 48 -17.86 -0.16 20.95
C GLN A 48 -18.11 -1.61 20.92
N HIS A 49 -18.28 -2.17 19.72
CA HIS A 49 -18.33 -3.64 19.73
C HIS A 49 -16.92 -4.19 19.49
N LEU A 50 -16.45 -5.07 20.36
CA LEU A 50 -15.07 -5.55 20.23
C LEU A 50 -15.03 -7.04 19.92
N THR A 51 -14.28 -7.41 18.86
CA THR A 51 -14.23 -8.80 18.46
C THR A 51 -12.75 -9.19 18.30
N ILE A 52 -12.38 -10.33 18.86
CA ILE A 52 -10.97 -10.82 18.75
C ILE A 52 -11.04 -12.24 18.31
N PHE A 53 -10.28 -12.56 17.23
CA PHE A 53 -10.32 -13.95 16.80
C PHE A 53 -8.93 -14.43 16.34
N GLU A 54 -8.71 -15.76 16.34
CA GLU A 54 -7.50 -16.32 15.72
C GLU A 54 -7.85 -16.60 14.28
N SER A 55 -7.03 -16.09 13.37
CA SER A 55 -7.25 -16.30 11.96
C SER A 55 -6.72 -17.66 11.51
N ASP A 56 -6.95 -18.03 10.27
CA ASP A 56 -6.52 -19.34 9.72
C ASP A 56 -5.02 -19.57 9.89
N PRO A 57 -4.62 -20.66 10.54
CA PRO A 57 -3.22 -20.91 10.79
C PRO A 57 -2.47 -21.17 9.49
N LYS A 58 -3.21 -21.47 8.44
CA LYS A 58 -2.57 -21.63 7.11
C LYS A 58 -2.16 -20.28 6.49
N GLY A 59 -2.73 -19.22 7.04
CA GLY A 59 -2.33 -17.89 6.58
C GLY A 59 -1.43 -17.23 7.62
N PRO A 60 -1.02 -15.98 7.35
CA PRO A 60 0.04 -15.36 8.17
C PRO A 60 -0.47 -14.47 9.30
N TRP A 61 -1.80 -14.16 9.31
CA TRP A 61 -2.27 -12.98 10.08
C TRP A 61 -2.30 -13.13 11.58
N GLY A 62 -2.38 -14.37 12.09
CA GLY A 62 -2.41 -14.51 13.55
C GLY A 62 -3.70 -13.99 14.15
N THR A 63 -3.55 -13.40 15.36
CA THR A 63 -4.74 -12.96 16.08
C THR A 63 -5.13 -11.57 15.54
N VAL A 64 -6.47 -11.31 15.52
CA VAL A 64 -7.04 -10.11 14.86
C VAL A 64 -8.00 -9.48 15.81
N MET A 65 -7.93 -8.14 15.91
CA MET A 65 -8.88 -7.39 16.74
C MET A 65 -9.70 -6.45 15.86
N ALA A 66 -11.02 -6.37 16.03
CA ALA A 66 -11.87 -5.36 15.34
C ALA A 66 -12.70 -4.59 16.36
N LEU A 67 -12.90 -3.31 16.06
CA LEU A 67 -13.79 -2.45 16.85
C LEU A 67 -14.85 -1.90 15.92
N ASP A 68 -16.12 -2.05 16.31
CA ASP A 68 -17.27 -1.58 15.47
C ASP A 68 -17.11 -2.13 14.04
N GLY A 69 -16.63 -3.36 13.96
CA GLY A 69 -16.51 -4.10 12.69
C GLY A 69 -15.29 -3.75 11.87
N CYS A 70 -14.43 -2.91 12.39
CA CYS A 70 -13.22 -2.44 11.62
C CYS A 70 -11.99 -3.09 12.22
N ILE A 71 -11.22 -3.68 11.34
CA ILE A 71 -9.94 -4.35 11.76
C ILE A 71 -9.00 -3.28 12.31
N GLN A 72 -8.51 -3.54 13.52
CA GLN A 72 -7.64 -2.54 14.23
C GLN A 72 -6.18 -2.95 14.23
N VAL A 73 -5.96 -4.25 14.51
CA VAL A 73 -4.59 -4.79 14.53
C VAL A 73 -4.68 -6.28 14.12
N THR A 74 -3.60 -6.73 13.48
CA THR A 74 -3.33 -8.18 13.37
C THR A 74 -1.87 -8.41 13.81
N ASP A 75 -1.62 -9.63 14.28
CA ASP A 75 -0.25 -9.88 14.72
C ASP A 75 0.77 -9.63 13.59
N TYR A 76 0.37 -9.96 12.38
CA TYR A 76 1.33 -10.00 11.27
C TYR A 76 1.75 -8.60 10.83
N ASP A 77 0.82 -7.63 10.76
CA ASP A 77 1.16 -6.31 10.18
C ASP A 77 1.04 -5.18 11.20
N GLU A 78 0.82 -5.44 12.47
CA GLU A 78 0.64 -4.34 13.43
C GLU A 78 1.78 -3.35 13.47
N PHE A 79 3.00 -3.88 13.20
CA PHE A 79 4.18 -3.08 13.40
C PHE A 79 4.24 -1.87 12.51
N VAL A 80 3.59 -1.94 11.35
CA VAL A 80 3.76 -0.83 10.39
C VAL A 80 3.24 0.51 10.95
N TYR A 81 1.94 0.58 11.29
CA TYR A 81 1.38 1.82 11.69
C TYR A 81 1.95 2.27 13.05
N HIS A 82 2.21 1.28 13.91
CA HIS A 82 2.79 1.65 15.21
C HIS A 82 4.19 2.24 15.08
N GLU A 83 5.02 1.67 14.19
CA GLU A 83 6.33 2.28 13.94
C GLU A 83 6.29 3.57 13.25
N VAL A 84 5.44 3.71 12.26
CA VAL A 84 5.39 4.98 11.51
C VAL A 84 4.91 6.10 12.41
N LEU A 85 3.80 5.92 13.15
CA LEU A 85 3.34 7.08 14.00
C LEU A 85 4.31 7.32 15.11
N GLY A 86 4.84 6.27 15.74
CA GLY A 86 5.80 6.53 16.88
C GLY A 86 7.08 7.19 16.45
N HIS A 87 7.68 6.68 15.36
CA HIS A 87 9.00 7.17 15.02
C HIS A 87 8.97 8.37 14.09
N THR A 88 8.01 8.43 13.20
CA THR A 88 7.99 9.62 12.32
C THR A 88 7.85 10.87 13.16
N SER A 89 6.93 10.82 14.13
CA SER A 89 6.75 11.99 15.01
C SER A 89 7.98 12.22 15.93
N LEU A 90 8.43 11.22 16.71
CA LEU A 90 9.49 11.60 17.69
C LEU A 90 10.83 11.85 16.95
N CYS A 91 11.07 11.22 15.80
CA CYS A 91 12.33 11.49 15.06
C CYS A 91 12.24 12.90 14.37
N SER A 92 11.08 13.54 14.39
CA SER A 92 10.94 14.87 13.87
C SER A 92 11.10 15.96 14.96
N HIS A 93 11.25 15.53 16.19
CA HIS A 93 11.28 16.44 17.33
C HIS A 93 12.69 16.49 17.89
N PRO A 94 13.15 17.71 18.31
CA PRO A 94 14.53 17.80 18.78
C PRO A 94 14.87 17.14 20.12
N LYS A 95 13.87 16.93 20.99
CA LYS A 95 14.09 16.28 22.27
C LYS A 95 12.74 16.01 22.84
N PRO A 96 12.13 14.86 22.46
CA PRO A 96 10.72 14.65 22.86
C PRO A 96 10.72 13.94 24.21
N GLU A 97 10.38 14.69 25.26
CA GLU A 97 10.41 14.15 26.59
C GLU A 97 9.02 13.86 27.20
N ARG A 98 8.00 14.62 26.79
CA ARG A 98 6.60 14.40 27.31
C ARG A 98 5.69 14.17 26.13
N VAL A 99 5.06 12.99 26.08
CA VAL A 99 4.25 12.62 24.90
C VAL A 99 2.84 12.28 25.37
N LEU A 100 1.86 12.61 24.54
CA LEU A 100 0.44 12.25 24.82
C LEU A 100 0.03 11.37 23.65
N ILE A 101 -0.61 10.24 24.01
CA ILE A 101 -1.31 9.43 22.96
C ILE A 101 -2.77 9.44 23.31
N ILE A 102 -3.54 9.93 22.34
CA ILE A 102 -5.02 9.86 22.42
C ILE A 102 -5.49 8.64 21.62
N GLY A 103 -6.29 7.80 22.26
CA GLY A 103 -6.63 6.49 21.77
C GLY A 103 -5.47 5.51 22.07
N GLY A 104 -5.11 4.67 21.10
CA GLY A 104 -3.91 3.79 21.35
C GLY A 104 -4.00 2.74 22.39
N GLY A 105 -5.24 2.37 22.80
CA GLY A 105 -5.43 1.49 23.97
C GLY A 105 -4.82 0.09 23.76
N ASP A 106 -4.55 -0.35 22.49
CA ASP A 106 -3.84 -1.63 22.30
C ASP A 106 -2.36 -1.55 22.78
N GLY A 107 -1.80 -0.33 22.91
CA GLY A 107 -0.41 -0.19 23.36
C GLY A 107 0.65 -0.15 22.31
N GLY A 108 0.26 -0.28 21.04
CA GLY A 108 1.36 -0.37 20.00
C GLY A 108 2.12 0.90 19.82
N VAL A 109 1.43 2.02 19.64
CA VAL A 109 2.15 3.28 19.53
C VAL A 109 3.01 3.58 20.78
N LEU A 110 2.47 3.30 21.98
CA LEU A 110 3.20 3.50 23.22
C LEU A 110 4.49 2.64 23.26
N ARG A 111 4.37 1.37 22.81
CA ARG A 111 5.58 0.51 22.74
C ARG A 111 6.65 1.20 21.90
N GLU A 112 6.24 1.78 20.75
CA GLU A 112 7.30 2.45 19.89
C GLU A 112 7.86 3.73 20.50
N VAL A 113 6.96 4.56 21.06
CA VAL A 113 7.34 5.81 21.75
C VAL A 113 8.38 5.48 22.87
N LEU A 114 8.09 4.42 23.64
CA LEU A 114 8.95 4.07 24.76
C LEU A 114 10.27 3.48 24.39
N ARG A 115 10.46 3.16 23.08
CA ARG A 115 11.85 2.88 22.67
C ARG A 115 12.83 4.04 22.83
N HIS A 116 12.28 5.24 22.69
CA HIS A 116 13.04 6.47 22.74
C HIS A 116 13.60 6.81 24.11
N GLY A 117 14.93 6.88 24.19
CA GLY A 117 15.58 7.23 25.47
C GLY A 117 15.27 8.65 25.93
N THR A 118 14.87 9.57 25.08
CA THR A 118 14.49 10.93 25.55
C THR A 118 13.18 11.00 26.33
N VAL A 119 12.31 9.99 26.19
CA VAL A 119 10.93 10.11 26.80
C VAL A 119 11.01 9.93 28.31
N GLU A 120 10.54 10.95 29.01
CA GLU A 120 10.44 10.90 30.45
C GLU A 120 9.09 10.44 30.88
N HIS A 121 8.04 10.82 30.14
CA HIS A 121 6.68 10.47 30.49
C HIS A 121 5.76 10.45 29.25
N CYS A 122 4.84 9.47 29.22
CA CYS A 122 3.82 9.45 28.22
C CYS A 122 2.49 9.27 28.93
N ASP A 123 1.49 10.10 28.59
CA ASP A 123 0.13 9.86 29.02
C ASP A 123 -0.59 9.22 27.85
N LEU A 124 -1.44 8.22 28.14
CA LEU A 124 -2.20 7.52 27.08
C LEU A 124 -3.66 7.57 27.58
N VAL A 125 -4.60 8.06 26.74
CA VAL A 125 -5.97 8.28 27.23
C VAL A 125 -6.85 7.68 26.14
N ASP A 126 -7.43 6.53 26.43
CA ASP A 126 -8.30 5.90 25.49
C ASP A 126 -9.73 5.75 26.14
N ILE A 127 -10.79 5.98 25.35
CA ILE A 127 -12.15 6.03 25.98
C ILE A 127 -12.54 4.65 26.43
N ASP A 128 -12.02 3.61 25.83
CA ASP A 128 -12.51 2.26 26.03
C ASP A 128 -11.60 1.37 26.79
N GLY A 129 -11.81 1.28 28.13
CA GLY A 129 -10.92 0.48 28.92
C GLY A 129 -10.87 -0.99 28.58
N GLU A 130 -11.88 -1.47 27.82
CA GLU A 130 -11.90 -2.85 27.52
C GLU A 130 -10.78 -3.17 26.45
N VAL A 131 -10.51 -2.17 25.61
CA VAL A 131 -9.44 -2.37 24.64
C VAL A 131 -8.12 -2.67 25.31
N MET A 132 -7.73 -1.85 26.32
CA MET A 132 -6.53 -2.19 27.10
C MET A 132 -6.63 -3.56 27.71
N GLU A 133 -7.79 -3.86 28.35
CA GLU A 133 -7.90 -5.21 28.98
C GLU A 133 -7.73 -6.36 27.99
N GLN A 134 -8.33 -6.25 26.81
CA GLN A 134 -8.26 -7.35 25.94
C GLN A 134 -6.94 -7.40 25.19
N SER A 135 -6.32 -6.22 25.01
CA SER A 135 -4.96 -6.24 24.40
C SER A 135 -3.97 -6.89 25.35
N LYS A 136 -4.11 -6.67 26.69
CA LYS A 136 -3.21 -7.34 27.62
C LYS A 136 -3.42 -8.85 27.54
N GLN A 137 -4.66 -9.25 27.30
CA GLN A 137 -4.97 -10.72 27.33
C GLN A 137 -4.53 -11.39 26.06
N HIS A 138 -4.75 -10.72 24.94
CA HIS A 138 -4.62 -11.45 23.63
C HIS A 138 -3.57 -10.98 22.70
N PHE A 139 -3.00 -9.81 23.00
CA PHE A 139 -1.85 -9.21 22.14
C PHE A 139 -0.70 -8.75 23.02
N PRO A 140 -0.10 -9.67 23.79
CA PRO A 140 0.95 -9.30 24.75
C PRO A 140 2.14 -8.60 24.14
N GLN A 141 2.44 -8.89 22.87
CA GLN A 141 3.57 -8.19 22.27
C GLN A 141 3.24 -6.76 21.87
N ILE A 142 1.94 -6.44 21.75
CA ILE A 142 1.52 -5.06 21.48
C ILE A 142 1.36 -4.33 22.85
N SER A 143 0.80 -5.01 23.87
CA SER A 143 0.37 -4.33 25.10
C SER A 143 1.34 -4.32 26.30
N ARG A 144 2.53 -4.85 26.11
CA ARG A 144 3.39 -4.96 27.30
C ARG A 144 3.62 -3.52 27.81
N SER A 145 3.72 -2.64 26.85
CA SER A 145 4.12 -1.30 27.17
C SER A 145 3.14 -0.59 28.18
N LEU A 146 1.90 -1.07 28.28
CA LEU A 146 0.88 -0.38 29.08
C LEU A 146 1.26 -0.35 30.54
N ALA A 147 2.12 -1.30 30.99
CA ALA A 147 2.49 -1.33 32.39
C ALA A 147 3.70 -0.47 32.76
N ASP A 148 4.35 0.12 31.72
CA ASP A 148 5.60 0.79 31.97
C ASP A 148 5.42 1.98 32.92
N PRO A 149 6.31 2.18 33.85
CA PRO A 149 6.12 3.31 34.77
C PRO A 149 6.36 4.74 34.19
N ARG A 150 6.95 4.84 32.96
CA ARG A 150 6.96 6.09 32.24
C ARG A 150 5.55 6.42 31.71
N ALA A 151 4.63 5.48 31.70
CA ALA A 151 3.29 5.75 31.17
C ALA A 151 2.26 5.96 32.28
N THR A 152 1.30 6.86 32.04
CA THR A 152 0.09 6.84 32.83
C THR A 152 -1.03 6.58 31.87
N VAL A 153 -1.68 5.47 32.03
CA VAL A 153 -2.76 5.02 31.18
C VAL A 153 -4.11 5.34 31.86
N ARG A 154 -4.92 6.13 31.18
CA ARG A 154 -6.25 6.56 31.67
C ARG A 154 -7.33 6.07 30.71
N VAL A 155 -8.48 5.81 31.31
CA VAL A 155 -9.68 5.52 30.57
C VAL A 155 -10.50 6.80 30.58
N GLY A 156 -10.73 7.33 29.42
CA GLY A 156 -11.54 8.58 29.30
C GLY A 156 -11.57 9.06 27.87
N ASP A 157 -12.52 9.97 27.59
CA ASP A 157 -12.53 10.58 26.29
C ASP A 157 -11.41 11.59 26.00
N GLY A 158 -10.75 11.46 24.85
CA GLY A 158 -9.65 12.36 24.51
C GLY A 158 -10.00 13.83 24.46
N LEU A 159 -11.21 14.16 23.99
CA LEU A 159 -11.59 15.59 23.91
C LEU A 159 -11.72 16.24 25.31
N ALA A 160 -12.35 15.53 26.23
CA ALA A 160 -12.43 16.09 27.56
C ALA A 160 -11.01 16.16 28.18
N PHE A 161 -10.20 15.16 27.89
CA PHE A 161 -8.83 15.19 28.47
C PHE A 161 -8.04 16.43 28.03
N VAL A 162 -7.98 16.67 26.71
CA VAL A 162 -7.21 17.86 26.27
C VAL A 162 -7.81 19.18 26.78
N ARG A 163 -9.16 19.25 26.93
CA ARG A 163 -9.79 20.45 27.56
C ARG A 163 -9.40 20.69 28.97
N GLN A 164 -8.88 19.70 29.69
CA GLN A 164 -8.41 20.02 31.08
C GLN A 164 -6.90 20.07 31.18
N THR A 165 -6.19 19.96 30.03
CA THR A 165 -4.73 19.90 30.01
C THR A 165 -4.18 21.35 29.86
N PRO A 166 -3.07 21.67 30.60
CA PRO A 166 -2.44 23.03 30.51
C PRO A 166 -1.90 23.29 29.10
N ASP A 167 -1.80 24.60 28.80
CA ASP A 167 -0.95 24.96 27.64
C ASP A 167 0.43 24.41 27.79
N ASN A 168 1.04 24.08 26.62
CA ASN A 168 2.49 23.81 26.63
C ASN A 168 2.92 22.61 27.44
N THR A 169 2.03 21.56 27.45
CA THR A 169 2.26 20.36 28.27
C THR A 169 3.16 19.37 27.56
N TYR A 170 2.97 19.14 26.25
CA TYR A 170 3.57 18.02 25.49
C TYR A 170 4.49 18.44 24.35
N ASP A 171 5.55 17.66 24.25
CA ASP A 171 6.38 17.75 23.06
C ASP A 171 5.74 17.13 21.84
N VAL A 172 5.05 16.01 22.02
CA VAL A 172 4.46 15.30 20.85
C VAL A 172 3.07 14.87 21.33
N VAL A 173 2.10 14.97 20.40
CA VAL A 173 0.75 14.39 20.59
C VAL A 173 0.50 13.48 19.43
N ILE A 174 0.14 12.22 19.74
CA ILE A 174 -0.15 11.23 18.69
C ILE A 174 -1.60 10.77 18.84
N ILE A 175 -2.40 10.94 17.80
CA ILE A 175 -3.84 10.77 17.82
C ILE A 175 -4.24 9.49 17.14
N ASP A 176 -4.16 8.39 17.90
CA ASP A 176 -4.30 7.02 17.28
C ASP A 176 -5.69 6.56 17.53
N THR A 177 -6.60 6.96 16.63
CA THR A 177 -8.03 6.71 16.88
C THR A 177 -8.56 5.66 15.89
N THR A 178 -9.72 5.15 16.25
CA THR A 178 -10.63 4.51 15.25
C THR A 178 -11.11 5.54 14.20
N ASP A 179 -11.69 4.99 13.16
CA ASP A 179 -12.32 5.84 12.08
C ASP A 179 -13.44 6.70 12.68
N PRO A 180 -13.91 7.71 11.92
CA PRO A 180 -14.83 8.71 12.43
C PRO A 180 -16.18 8.19 12.84
N ALA A 181 -16.64 7.07 12.31
CA ALA A 181 -17.97 6.54 12.82
C ALA A 181 -17.74 5.85 14.14
N GLY A 182 -18.38 6.34 15.20
CA GLY A 182 -18.07 5.82 16.55
C GLY A 182 -17.60 6.90 17.48
N PRO A 183 -17.05 6.49 18.62
CA PRO A 183 -16.70 7.45 19.68
C PRO A 183 -15.58 8.37 19.23
N ALA A 184 -14.88 8.12 18.08
CA ALA A 184 -13.82 9.07 17.69
C ALA A 184 -14.32 10.26 16.87
N SER A 185 -15.64 10.33 16.68
CA SER A 185 -16.19 11.35 15.74
C SER A 185 -15.58 12.74 15.96
N LYS A 186 -15.60 13.25 17.19
CA LYS A 186 -15.21 14.67 17.35
C LYS A 186 -13.70 14.83 17.34
N LEU A 187 -12.95 13.68 17.41
CA LEU A 187 -11.48 13.80 17.30
C LEU A 187 -10.97 14.04 15.90
N PHE A 188 -11.92 14.07 14.95
CA PHE A 188 -11.60 14.43 13.56
C PHE A 188 -12.03 15.89 13.29
N GLY A 189 -12.46 16.59 14.34
CA GLY A 189 -12.95 17.99 14.21
C GLY A 189 -12.01 19.11 14.60
N GLU A 190 -12.26 20.29 14.05
CA GLU A 190 -11.46 21.46 14.31
C GLU A 190 -11.34 21.83 15.77
N ALA A 191 -12.42 21.76 16.55
CA ALA A 191 -12.33 22.23 17.93
C ALA A 191 -11.29 21.43 18.71
N PHE A 192 -11.29 20.12 18.46
CA PHE A 192 -10.29 19.22 19.07
C PHE A 192 -8.88 19.67 18.68
N TYR A 193 -8.64 20.00 17.39
CA TYR A 193 -7.30 20.35 17.03
C TYR A 193 -6.87 21.73 17.55
N LYS A 194 -7.82 22.61 17.79
CA LYS A 194 -7.45 23.91 18.49
C LYS A 194 -6.83 23.61 19.87
N ASP A 195 -7.43 22.62 20.58
CA ASP A 195 -6.80 22.20 21.88
C ASP A 195 -5.49 21.51 21.67
N VAL A 196 -5.34 20.63 20.65
CA VAL A 196 -4.04 19.95 20.46
C VAL A 196 -2.96 21.00 20.25
N LEU A 197 -3.26 22.04 19.41
CA LEU A 197 -2.27 23.08 19.20
C LEU A 197 -1.85 23.80 20.51
N ARG A 198 -2.84 24.05 21.34
CA ARG A 198 -2.61 24.73 22.59
C ARG A 198 -1.83 23.92 23.59
N ILE A 199 -2.10 22.63 23.66
CA ILE A 199 -1.38 21.81 24.65
C ILE A 199 0.02 21.44 24.24
N LEU A 200 0.36 21.64 22.98
CA LEU A 200 1.73 21.43 22.52
C LEU A 200 2.64 22.59 22.98
N LYS A 201 3.90 22.25 23.23
CA LYS A 201 4.91 23.27 23.48
C LYS A 201 5.33 23.95 22.16
N PRO A 202 6.08 25.07 22.22
CA PRO A 202 6.27 25.79 20.97
C PRO A 202 6.93 24.99 19.83
N ASP A 203 7.85 24.07 20.15
CA ASP A 203 8.46 23.20 19.17
C ASP A 203 7.68 21.88 18.95
N GLY A 204 6.40 21.86 19.35
CA GLY A 204 5.67 20.54 19.37
C GLY A 204 5.34 20.00 17.97
N ILE A 205 5.06 18.69 17.99
CA ILE A 205 4.69 17.89 16.77
C ILE A 205 3.44 17.11 17.08
N CYS A 206 2.50 17.05 16.14
CA CYS A 206 1.38 16.13 16.34
C CYS A 206 1.30 15.23 15.14
N CYS A 207 0.80 14.04 15.35
CA CYS A 207 0.37 13.23 14.14
C CYS A 207 -0.86 12.45 14.45
N ASN A 208 -1.55 11.94 13.44
CA ASN A 208 -2.89 11.36 13.69
C ASN A 208 -3.12 10.10 12.89
N GLN A 209 -4.35 9.61 13.01
CA GLN A 209 -4.78 8.50 12.12
C GLN A 209 -5.44 9.24 10.96
N GLY A 210 -4.75 9.29 9.82
CA GLY A 210 -5.19 10.16 8.71
C GLY A 210 -5.92 9.49 7.56
N GLU A 211 -6.40 8.28 7.74
CA GLU A 211 -7.40 7.66 6.85
C GLU A 211 -6.73 7.39 5.54
N SER A 212 -7.59 7.12 4.57
CA SER A 212 -7.19 6.60 3.27
C SER A 212 -7.25 7.62 2.10
N ILE A 213 -6.17 7.67 1.31
CA ILE A 213 -6.25 8.60 0.14
C ILE A 213 -7.20 8.09 -0.97
N TRP A 214 -7.56 6.81 -0.92
CA TRP A 214 -8.45 6.18 -1.85
C TRP A 214 -9.91 6.41 -1.53
N LEU A 215 -10.22 6.58 -0.26
CA LEU A 215 -11.63 6.59 0.18
C LEU A 215 -11.99 7.86 0.85
N ASP A 216 -11.04 8.57 1.45
CA ASP A 216 -11.33 9.68 2.35
C ASP A 216 -10.63 10.97 1.96
N LEU A 217 -10.29 11.10 0.68
CA LEU A 217 -9.50 12.24 0.32
C LEU A 217 -10.12 13.57 0.64
N GLU A 218 -11.45 13.66 0.47
CA GLU A 218 -12.13 14.94 0.86
C GLU A 218 -11.97 15.31 2.33
N LEU A 219 -12.11 14.29 3.20
CA LEU A 219 -11.90 14.52 4.61
C LEU A 219 -10.41 14.90 4.90
N ILE A 220 -9.45 14.26 4.23
CA ILE A 220 -8.07 14.54 4.50
C ILE A 220 -7.76 15.99 4.02
N GLU A 221 -8.36 16.38 2.89
CA GLU A 221 -8.28 17.80 2.47
C GLU A 221 -8.86 18.80 3.47
N LYS A 222 -10.04 18.53 3.93
CA LYS A 222 -10.69 19.37 4.98
C LYS A 222 -9.85 19.45 6.24
N MET A 223 -9.36 18.29 6.73
CA MET A 223 -8.54 18.32 7.98
C MET A 223 -7.22 19.06 7.79
N SER A 224 -6.51 18.84 6.67
CA SER A 224 -5.26 19.47 6.47
C SER A 224 -5.48 20.99 6.48
N ARG A 225 -6.55 21.41 5.85
CA ARG A 225 -6.86 22.84 5.78
C ARG A 225 -7.18 23.40 7.15
N PHE A 226 -8.07 22.75 7.91
CA PHE A 226 -8.44 23.37 9.22
C PHE A 226 -7.29 23.28 10.24
N ILE A 227 -6.44 22.25 10.11
CA ILE A 227 -5.30 22.18 11.01
C ILE A 227 -4.33 23.34 10.79
N ARG A 228 -3.98 23.62 9.53
CA ARG A 228 -3.25 24.81 9.20
C ARG A 228 -3.98 26.09 9.68
N GLU A 229 -5.30 26.21 9.46
CA GLU A 229 -6.02 27.44 9.82
C GLU A 229 -6.07 27.62 11.32
N THR A 230 -6.10 26.52 12.06
CA THR A 230 -6.04 26.65 13.55
C THR A 230 -4.75 27.25 14.06
N GLY A 231 -3.68 27.20 13.27
CA GLY A 231 -2.37 27.78 13.64
C GLY A 231 -1.15 26.90 13.55
N PHE A 232 -1.29 25.60 13.19
CA PHE A 232 -0.09 24.86 12.96
C PHE A 232 0.66 25.40 11.77
N ALA A 233 1.98 25.45 11.89
CA ALA A 233 2.82 26.05 10.80
C ALA A 233 2.88 25.22 9.53
N SER A 234 2.76 23.90 9.69
CA SER A 234 2.93 23.01 8.53
C SER A 234 2.21 21.69 8.81
N VAL A 235 1.71 21.08 7.77
CA VAL A 235 0.98 19.83 7.89
C VAL A 235 1.44 19.03 6.68
N GLN A 236 2.01 17.82 6.88
CA GLN A 236 2.43 16.96 5.75
C GLN A 236 1.86 15.57 5.96
N TYR A 237 1.31 14.98 4.94
CA TYR A 237 0.68 13.63 5.09
C TYR A 237 1.70 12.55 4.72
N ALA A 238 1.90 11.55 5.62
CA ALA A 238 2.84 10.44 5.39
C ALA A 238 2.00 9.16 5.10
N LEU A 239 2.28 8.53 3.98
CA LEU A 239 1.57 7.35 3.52
C LEU A 239 2.31 6.10 3.95
N MET A 240 1.56 5.03 4.21
CA MET A 240 2.23 3.76 4.60
C MET A 240 1.45 2.56 4.13
N HIS A 241 2.11 1.42 4.12
CA HIS A 241 1.50 0.17 3.54
C HIS A 241 0.98 -0.70 4.68
N VAL A 242 -0.36 -0.76 4.83
CA VAL A 242 -0.99 -1.56 5.89
C VAL A 242 -2.05 -2.41 5.23
N PRO A 243 -1.73 -3.71 5.09
CA PRO A 243 -2.69 -4.61 4.32
C PRO A 243 -4.12 -4.63 4.92
N THR A 244 -4.15 -4.51 6.28
CA THR A 244 -5.44 -4.65 6.95
C THR A 244 -6.16 -3.37 7.34
N TYR A 245 -5.87 -2.29 6.62
CA TYR A 245 -6.72 -1.17 6.60
C TYR A 245 -7.34 -1.08 5.23
N PRO A 246 -8.58 -0.59 5.16
CA PRO A 246 -9.22 -0.60 3.87
C PRO A 246 -8.44 0.06 2.73
N CYS A 247 -8.33 -0.70 1.61
CA CYS A 247 -7.58 -0.38 0.36
C CYS A 247 -6.11 -0.51 0.52
N GLY A 248 -5.63 -0.80 1.76
CA GLY A 248 -4.20 -1.26 1.85
C GLY A 248 -3.24 -0.16 2.26
N SER A 249 -3.73 1.00 2.43
CA SER A 249 -2.83 2.10 2.88
C SER A 249 -3.54 3.04 3.80
N ILE A 250 -2.77 3.61 4.68
CA ILE A 250 -3.31 4.57 5.60
C ILE A 250 -2.23 5.63 5.74
N GLY A 251 -2.64 6.80 6.22
CA GLY A 251 -1.73 7.91 6.35
C GLY A 251 -1.75 8.51 7.72
N THR A 252 -0.89 9.51 7.88
CA THR A 252 -0.84 10.24 9.15
C THR A 252 -0.51 11.67 8.77
N LEU A 253 -1.34 12.62 9.20
CA LEU A 253 -0.95 14.06 9.04
C LEU A 253 0.07 14.44 10.11
N VAL A 254 1.25 14.83 9.74
CA VAL A 254 2.32 15.10 10.66
C VAL A 254 2.46 16.65 10.69
N CYS A 255 2.25 17.26 11.88
CA CYS A 255 1.96 18.69 11.95
C CYS A 255 2.99 19.33 12.83
N SER A 256 3.51 20.48 12.42
CA SER A 256 4.49 21.17 13.27
C SER A 256 3.90 22.49 13.75
N LYS A 257 3.96 22.69 15.11
CA LYS A 257 3.60 23.98 15.68
C LYS A 257 4.57 25.07 15.30
N LYS A 258 5.84 24.76 15.21
CA LYS A 258 6.85 25.78 14.92
C LYS A 258 7.02 25.92 13.40
N ALA A 259 7.19 27.15 12.89
CA ALA A 259 7.49 27.30 11.49
C ALA A 259 8.93 27.01 11.17
N GLY A 260 9.20 26.69 9.91
CA GLY A 260 10.60 26.42 9.49
C GLY A 260 11.09 24.97 9.67
N VAL A 261 10.16 24.13 10.12
CA VAL A 261 10.48 22.72 10.43
C VAL A 261 10.04 21.92 9.20
N ASP A 262 10.93 21.07 8.72
CA ASP A 262 10.58 20.14 7.60
C ASP A 262 10.55 18.73 8.14
N VAL A 263 9.35 18.29 8.49
CA VAL A 263 9.22 16.91 9.10
C VAL A 263 9.50 15.84 8.10
N THR A 264 9.57 16.16 6.81
CA THR A 264 9.78 15.08 5.75
C THR A 264 11.17 14.48 5.75
N LYS A 265 12.14 15.17 6.33
CA LYS A 265 13.53 14.67 6.51
C LYS A 265 13.70 14.44 7.98
N PRO A 266 14.18 13.25 8.40
CA PRO A 266 14.31 13.05 9.86
C PRO A 266 15.27 14.00 10.55
N LEU A 267 14.79 14.65 11.60
CA LEU A 267 15.62 15.53 12.38
C LEU A 267 16.65 14.75 13.22
N ARG A 268 16.18 13.69 13.93
CA ARG A 268 16.95 12.87 14.80
C ARG A 268 16.73 11.45 14.25
N PRO A 269 17.67 11.02 13.41
CA PRO A 269 17.38 9.76 12.68
C PRO A 269 17.44 8.54 13.57
N VAL A 270 16.58 7.56 13.31
CA VAL A 270 16.54 6.39 14.17
C VAL A 270 17.84 5.56 14.15
N GLU A 271 18.55 5.63 13.05
CA GLU A 271 19.72 4.78 12.87
C GLU A 271 20.80 5.09 13.88
N ASP A 272 20.77 6.31 14.40
CA ASP A 272 21.68 6.62 15.52
C ASP A 272 21.22 6.03 16.83
N MET A 273 20.02 5.47 16.87
CA MET A 273 19.46 5.02 18.12
C MET A 273 19.66 3.54 18.26
N PRO A 274 19.70 3.03 19.48
CA PRO A 274 20.07 1.65 19.72
C PRO A 274 19.13 0.62 19.24
N PHE A 275 17.85 1.01 18.98
CA PHE A 275 16.86 0.04 18.67
C PHE A 275 16.55 0.03 17.17
N ALA A 276 17.30 0.78 16.33
CA ALA A 276 16.98 0.84 14.88
C ALA A 276 16.80 -0.50 14.29
N LYS A 277 17.69 -1.47 14.62
CA LYS A 277 17.64 -2.78 13.90
C LYS A 277 16.58 -3.71 14.46
N ASP A 278 15.83 -3.33 15.51
CA ASP A 278 14.74 -4.19 15.90
C ASP A 278 13.43 -3.79 15.17
N LEU A 279 13.47 -2.65 14.42
CA LEU A 279 12.21 -2.28 13.75
C LEU A 279 11.99 -3.10 12.47
N LYS A 280 10.74 -3.34 12.13
CA LYS A 280 10.43 -4.21 11.01
C LYS A 280 10.03 -3.46 9.79
N TYR A 281 9.64 -2.19 9.93
CA TYR A 281 9.21 -1.38 8.78
C TYR A 281 10.02 -0.11 8.65
N TYR A 282 9.98 0.69 9.68
CA TYR A 282 10.44 2.10 9.59
C TYR A 282 12.00 2.19 9.63
N ASP A 283 12.47 3.11 8.78
CA ASP A 283 13.90 3.62 8.85
C ASP A 283 13.86 5.00 8.19
N SER A 284 15.01 5.70 8.17
CA SER A 284 15.06 7.07 7.65
C SER A 284 14.70 7.12 6.14
N GLU A 285 15.01 6.11 5.31
CA GLU A 285 14.60 6.13 3.91
C GLU A 285 13.08 5.97 3.78
N MET A 286 12.48 5.07 4.60
CA MET A 286 10.99 4.94 4.60
C MET A 286 10.34 6.23 5.08
N HIS A 287 10.96 6.88 6.08
CA HIS A 287 10.42 8.20 6.53
C HIS A 287 10.34 9.24 5.42
N LYS A 288 11.44 9.46 4.70
CA LYS A 288 11.40 10.43 3.63
C LYS A 288 10.43 9.98 2.49
N ALA A 289 10.46 8.67 2.18
CA ALA A 289 9.66 8.14 1.09
C ALA A 289 8.17 8.32 1.37
N SER A 290 7.77 8.27 2.64
CA SER A 290 6.33 8.25 3.00
C SER A 290 5.58 9.54 2.63
N PHE A 291 6.41 10.62 2.47
CA PHE A 291 5.87 11.95 2.15
C PHE A 291 5.70 12.25 0.68
N ALA A 292 6.17 11.30 -0.14
CA ALA A 292 5.90 11.39 -1.58
C ALA A 292 4.52 10.84 -1.86
N LEU A 293 3.60 11.63 -2.43
CA LEU A 293 2.21 11.21 -2.59
C LEU A 293 1.91 11.03 -4.11
N PRO A 294 1.07 10.09 -4.41
CA PRO A 294 0.66 9.97 -5.83
C PRO A 294 0.11 11.32 -6.33
N ARG A 295 0.28 11.58 -7.60
CA ARG A 295 -0.11 12.88 -8.14
C ARG A 295 -1.55 13.24 -7.78
N PHE A 296 -2.51 12.31 -7.81
CA PHE A 296 -3.91 12.66 -7.48
C PHE A 296 -4.05 13.27 -6.08
N ALA A 297 -3.13 12.85 -5.20
CA ALA A 297 -3.24 13.34 -3.80
C ALA A 297 -2.22 14.38 -3.41
N ARG A 298 -1.32 14.83 -4.32
CA ARG A 298 -0.04 15.55 -3.90
C ARG A 298 -0.36 16.93 -3.33
N HIS A 299 -1.56 17.45 -3.64
CA HIS A 299 -1.88 18.77 -3.21
C HIS A 299 -2.03 18.81 -1.71
N ILE A 300 -2.26 17.66 -1.03
CA ILE A 300 -2.28 17.69 0.42
C ILE A 300 -0.90 18.23 0.89
N ASN A 301 0.21 17.86 0.24
CA ASN A 301 1.57 18.17 0.77
C ASN A 301 2.22 19.35 0.04
N ASN A 302 1.68 19.66 -1.14
CA ASN A 302 2.28 20.64 -2.12
C ASN A 302 3.55 20.16 -2.80
N MET B 9 -7.61 -23.18 -11.64
CA MET B 9 -8.15 -23.39 -10.27
C MET B 9 -9.50 -22.69 -10.11
N PRO B 10 -9.56 -21.38 -9.72
CA PRO B 10 -10.85 -20.72 -9.51
C PRO B 10 -11.50 -20.29 -10.80
N GLY B 11 -12.83 -20.33 -10.80
CA GLY B 11 -13.61 -19.93 -11.98
C GLY B 11 -14.87 -19.24 -11.53
N SER B 12 -15.99 -19.65 -12.12
CA SER B 12 -17.29 -19.01 -11.87
C SER B 12 -17.83 -18.98 -10.43
N GLU B 13 -17.49 -19.99 -9.63
CA GLU B 13 -18.01 -20.12 -8.26
C GLU B 13 -17.61 -18.91 -7.36
N LEU B 14 -16.55 -18.16 -7.73
CA LEU B 14 -16.22 -16.96 -6.94
C LEU B 14 -17.26 -15.83 -6.88
N ILE B 15 -18.20 -15.83 -7.84
CA ILE B 15 -19.33 -14.92 -7.71
C ILE B 15 -20.52 -15.71 -7.14
N SER B 16 -20.96 -15.32 -5.93
CA SER B 16 -21.99 -16.06 -5.27
C SER B 16 -22.58 -15.08 -4.33
N GLY B 17 -23.92 -15.07 -4.30
CA GLY B 17 -24.65 -14.35 -3.30
C GLY B 17 -24.50 -12.89 -3.42
N GLY B 18 -24.24 -12.34 -4.64
CA GLY B 18 -24.06 -10.88 -4.87
C GLY B 18 -22.60 -10.23 -4.78
N TRP B 19 -21.65 -11.02 -4.37
CA TRP B 19 -20.26 -10.57 -4.21
C TRP B 19 -19.32 -11.43 -4.99
N PHE B 20 -18.19 -10.81 -5.36
CA PHE B 20 -17.05 -11.52 -5.86
C PHE B 20 -16.03 -11.58 -4.73
N ARG B 21 -15.67 -12.78 -4.38
CA ARG B 21 -14.68 -13.10 -3.36
C ARG B 21 -13.40 -13.67 -3.93
N GLU B 22 -12.30 -12.93 -3.68
CA GLU B 22 -11.00 -13.31 -4.32
C GLU B 22 -10.26 -14.30 -3.44
N GLU B 23 -10.86 -15.51 -3.28
CA GLU B 23 -10.30 -16.59 -2.49
C GLU B 23 -9.34 -17.38 -3.35
N ASN B 24 -8.17 -17.66 -2.83
CA ASN B 24 -7.15 -18.25 -3.70
C ASN B 24 -6.15 -19.00 -2.82
N ASP B 25 -5.68 -20.16 -3.24
CA ASP B 25 -4.65 -20.78 -2.38
C ASP B 25 -3.28 -20.11 -2.48
N GLN B 26 -3.17 -19.07 -3.32
CA GLN B 26 -1.91 -18.30 -3.32
C GLN B 26 -1.91 -17.29 -2.19
N TRP B 27 -3.08 -17.12 -1.54
CA TRP B 27 -3.11 -16.23 -0.31
C TRP B 27 -4.10 -16.83 0.65
N PRO B 28 -3.72 -17.96 1.23
CA PRO B 28 -4.69 -18.63 2.15
C PRO B 28 -5.11 -17.75 3.33
N GLY B 29 -6.38 -17.92 3.62
CA GLY B 29 -6.93 -17.30 4.87
C GLY B 29 -7.34 -15.82 4.70
N GLN B 30 -7.30 -15.31 3.46
CA GLN B 30 -7.70 -13.95 3.17
C GLN B 30 -8.41 -13.82 1.85
N ALA B 31 -9.26 -12.80 1.73
CA ALA B 31 -9.91 -12.52 0.45
C ALA B 31 -10.49 -11.12 0.42
N MET B 32 -10.06 -10.33 -0.59
CA MET B 32 -10.78 -9.13 -0.88
C MET B 32 -12.09 -9.43 -1.62
N SER B 33 -13.13 -8.68 -1.33
CA SER B 33 -14.53 -8.87 -1.78
C SER B 33 -14.97 -7.57 -2.43
N LEU B 34 -15.71 -7.71 -3.56
CA LEU B 34 -16.35 -6.56 -4.21
C LEU B 34 -17.79 -6.95 -4.54
N ARG B 35 -18.70 -6.04 -4.32
CA ARG B 35 -20.14 -6.30 -4.64
C ARG B 35 -20.26 -6.29 -6.16
N VAL B 36 -21.05 -7.23 -6.63
CA VAL B 36 -21.29 -7.41 -8.08
C VAL B 36 -22.66 -6.80 -8.47
N GLU B 37 -22.66 -5.76 -9.31
CA GLU B 37 -23.91 -5.12 -9.84
C GLU B 37 -24.39 -5.95 -11.02
N LYS B 38 -23.47 -6.33 -11.93
CA LYS B 38 -23.85 -7.04 -13.18
C LYS B 38 -22.65 -7.75 -13.76
N VAL B 39 -22.81 -9.01 -14.09
CA VAL B 39 -21.76 -9.79 -14.73
C VAL B 39 -21.86 -9.46 -16.21
N LEU B 40 -20.73 -9.02 -16.77
CA LEU B 40 -20.61 -8.69 -18.19
C LEU B 40 -20.02 -9.80 -19.01
N TYR B 41 -19.10 -10.62 -18.42
CA TYR B 41 -18.50 -11.72 -19.10
C TYR B 41 -18.02 -12.71 -18.04
N ASP B 42 -18.22 -13.98 -18.33
CA ASP B 42 -17.78 -15.02 -17.43
C ASP B 42 -17.68 -16.35 -18.11
N ALA B 43 -16.46 -16.69 -18.54
CA ALA B 43 -16.28 -17.93 -19.32
C ALA B 43 -14.83 -18.40 -19.32
N PRO B 44 -14.56 -19.72 -19.47
CA PRO B 44 -13.20 -20.18 -19.79
C PRO B 44 -12.77 -19.66 -21.18
N THR B 45 -11.52 -19.20 -21.26
CA THR B 45 -10.87 -18.94 -22.56
C THR B 45 -10.06 -20.19 -22.95
N LYS B 46 -9.18 -20.13 -23.95
CA LYS B 46 -8.27 -21.21 -24.19
C LYS B 46 -7.27 -21.48 -23.07
N PHE B 47 -7.05 -20.48 -22.17
CA PHE B 47 -6.01 -20.62 -21.18
C PHE B 47 -6.44 -20.33 -19.77
N GLN B 48 -7.48 -19.53 -19.56
CA GLN B 48 -7.76 -18.97 -18.22
C GLN B 48 -9.24 -18.77 -18.02
N HIS B 49 -9.71 -18.64 -16.76
CA HIS B 49 -11.09 -18.27 -16.59
C HIS B 49 -11.20 -16.77 -16.57
N LEU B 50 -11.96 -16.19 -17.45
CA LEU B 50 -12.02 -14.72 -17.51
C LEU B 50 -13.38 -14.24 -17.01
N THR B 51 -13.40 -13.31 -16.04
CA THR B 51 -14.62 -12.75 -15.50
C THR B 51 -14.55 -11.23 -15.52
N ILE B 52 -15.60 -10.57 -16.05
CA ILE B 52 -15.72 -9.17 -16.09
C ILE B 52 -17.03 -8.76 -15.48
N PHE B 53 -17.02 -7.84 -14.54
CA PHE B 53 -18.30 -7.37 -13.87
C PHE B 53 -18.32 -5.91 -13.52
N GLU B 54 -19.53 -5.33 -13.53
CA GLU B 54 -19.70 -4.00 -13.04
C GLU B 54 -19.90 -4.07 -11.55
N SER B 55 -19.05 -3.38 -10.83
CA SER B 55 -19.15 -3.39 -9.35
C SER B 55 -20.24 -2.43 -8.83
N ASP B 56 -20.37 -2.35 -7.50
CA ASP B 56 -21.46 -1.54 -6.87
C ASP B 56 -21.35 -0.09 -7.28
N PRO B 57 -22.41 0.47 -7.94
CA PRO B 57 -22.31 1.90 -8.26
C PRO B 57 -22.21 2.85 -7.07
N LYS B 58 -22.55 2.39 -5.84
CA LYS B 58 -22.34 3.17 -4.60
C LYS B 58 -20.86 3.22 -4.18
N GLY B 59 -20.06 2.31 -4.75
CA GLY B 59 -18.63 2.32 -4.50
C GLY B 59 -17.88 2.84 -5.73
N PRO B 60 -16.54 3.04 -5.63
CA PRO B 60 -15.72 3.80 -6.60
C PRO B 60 -15.14 2.90 -7.74
N TRP B 61 -15.28 1.56 -7.68
CA TRP B 61 -14.40 0.65 -8.43
C TRP B 61 -14.73 0.53 -9.91
N GLY B 62 -15.99 0.79 -10.25
CA GLY B 62 -16.31 0.58 -11.66
C GLY B 62 -16.29 -0.83 -12.16
N THR B 63 -15.82 -0.97 -13.40
CA THR B 63 -15.76 -2.26 -14.02
C THR B 63 -14.49 -3.02 -13.51
N VAL B 64 -14.60 -4.34 -13.35
CA VAL B 64 -13.55 -5.21 -12.74
C VAL B 64 -13.30 -6.38 -13.64
N MET B 65 -12.01 -6.78 -13.90
CA MET B 65 -11.67 -7.92 -14.64
C MET B 65 -10.91 -8.87 -13.67
N ALA B 66 -11.20 -10.15 -13.74
CA ALA B 66 -10.39 -11.14 -13.01
C ALA B 66 -10.04 -12.27 -13.98
N LEU B 67 -8.83 -12.81 -13.77
CA LEU B 67 -8.33 -13.96 -14.48
C LEU B 67 -8.01 -15.06 -13.49
N ASP B 68 -8.63 -16.24 -13.66
CA ASP B 68 -8.32 -17.35 -12.75
C ASP B 68 -8.64 -16.92 -11.29
N GLY B 69 -9.67 -16.11 -11.16
CA GLY B 69 -10.17 -15.70 -9.86
C GLY B 69 -9.47 -14.51 -9.29
N CYS B 70 -8.46 -14.03 -10.00
CA CYS B 70 -7.58 -12.93 -9.45
C CYS B 70 -7.84 -11.65 -10.13
N ILE B 71 -8.14 -10.65 -9.35
CA ILE B 71 -8.47 -9.28 -9.88
C ILE B 71 -7.28 -8.73 -10.69
N GLN B 72 -7.55 -8.28 -11.92
CA GLN B 72 -6.45 -7.83 -12.80
C GLN B 72 -6.44 -6.31 -12.95
N VAL B 73 -7.62 -5.69 -13.15
CA VAL B 73 -7.72 -4.21 -13.23
C VAL B 73 -9.09 -3.84 -12.73
N THR B 74 -9.19 -2.65 -12.16
CA THR B 74 -10.53 -1.98 -11.99
C THR B 74 -10.43 -0.64 -12.59
N ASP B 75 -11.55 -0.08 -12.96
CA ASP B 75 -11.46 1.29 -13.45
C ASP B 75 -10.78 2.32 -12.53
N TYR B 76 -11.00 2.18 -11.23
CA TYR B 76 -10.59 3.21 -10.34
C TYR B 76 -9.10 3.30 -10.08
N ASP B 77 -8.45 2.14 -10.09
CA ASP B 77 -7.07 2.16 -9.62
C ASP B 77 -6.12 1.61 -10.66
N GLU B 78 -6.64 1.29 -11.89
CA GLU B 78 -5.76 0.72 -12.93
C GLU B 78 -4.50 1.54 -13.25
N PHE B 79 -4.62 2.85 -13.12
CA PHE B 79 -3.50 3.75 -13.53
C PHE B 79 -2.25 3.55 -12.76
N VAL B 80 -2.38 3.03 -11.53
CA VAL B 80 -1.12 2.98 -10.70
C VAL B 80 -0.08 2.09 -11.33
N TYR B 81 -0.40 0.80 -11.45
CA TYR B 81 0.62 -0.12 -11.88
C TYR B 81 0.98 0.12 -13.33
N HIS B 82 0.08 0.59 -14.15
CA HIS B 82 0.42 0.83 -15.55
C HIS B 82 1.34 2.01 -15.65
N GLU B 83 1.13 3.08 -14.87
CA GLU B 83 2.11 4.23 -14.93
C GLU B 83 3.45 3.82 -14.27
N VAL B 84 3.47 3.05 -13.16
CA VAL B 84 4.74 2.74 -12.55
C VAL B 84 5.59 1.82 -13.46
N LEU B 85 5.01 0.73 -14.04
CA LEU B 85 5.91 -0.09 -14.90
C LEU B 85 6.29 0.67 -16.14
N GLY B 86 5.37 1.39 -16.78
CA GLY B 86 5.77 2.12 -18.09
C GLY B 86 6.79 3.21 -17.90
N HIS B 87 6.64 3.99 -16.86
CA HIS B 87 7.49 5.21 -16.67
C HIS B 87 8.71 4.90 -15.88
N THR B 88 8.62 4.03 -14.87
CA THR B 88 9.85 3.78 -14.11
C THR B 88 10.93 3.17 -15.02
N SER B 89 10.48 2.24 -15.89
CA SER B 89 11.47 1.58 -16.86
C SER B 89 11.90 2.58 -17.94
N LEU B 90 10.95 3.23 -18.62
CA LEU B 90 11.42 4.09 -19.70
C LEU B 90 12.17 5.34 -19.21
N CYS B 91 11.81 5.85 -18.06
CA CYS B 91 12.51 7.05 -17.61
C CYS B 91 13.91 6.63 -17.04
N SER B 92 14.26 5.36 -16.96
CA SER B 92 15.58 4.83 -16.55
C SER B 92 16.47 4.52 -17.73
N HIS B 93 15.92 4.63 -18.95
CA HIS B 93 16.68 4.31 -20.13
C HIS B 93 17.10 5.62 -20.87
N PRO B 94 18.31 5.63 -21.48
CA PRO B 94 18.71 6.91 -22.11
C PRO B 94 17.97 7.27 -23.40
N LYS B 95 17.40 6.24 -24.10
CA LYS B 95 16.75 6.47 -25.38
C LYS B 95 16.00 5.21 -25.75
N PRO B 96 14.75 5.06 -25.20
CA PRO B 96 14.09 3.76 -25.38
C PRO B 96 13.25 3.85 -26.66
N GLU B 97 13.78 3.22 -27.70
CA GLU B 97 13.14 3.19 -29.00
C GLU B 97 12.36 1.94 -29.27
N ARG B 98 12.81 0.79 -28.79
CA ARG B 98 12.12 -0.50 -29.12
C ARG B 98 11.78 -1.19 -27.82
N VAL B 99 10.47 -1.41 -27.55
CA VAL B 99 9.98 -1.96 -26.27
C VAL B 99 9.20 -3.22 -26.55
N LEU B 100 9.38 -4.20 -25.65
CA LEU B 100 8.57 -5.48 -25.67
C LEU B 100 7.75 -5.50 -24.37
N ILE B 101 6.47 -5.81 -24.48
CA ILE B 101 5.61 -6.09 -23.29
C ILE B 101 5.22 -7.56 -23.46
N ILE B 102 5.55 -8.35 -22.43
CA ILE B 102 5.07 -9.76 -22.33
C ILE B 102 3.86 -9.75 -21.42
N GLY B 103 2.75 -10.38 -21.86
CA GLY B 103 1.50 -10.14 -21.13
C GLY B 103 0.84 -8.81 -21.52
N GLY B 104 0.24 -8.17 -20.52
CA GLY B 104 -0.23 -6.81 -20.78
C GLY B 104 -1.45 -6.70 -21.70
N GLY B 105 -2.19 -7.79 -21.91
CA GLY B 105 -3.26 -7.75 -22.88
C GLY B 105 -4.36 -6.78 -22.65
N ASP B 106 -4.56 -6.28 -21.41
CA ASP B 106 -5.51 -5.19 -21.24
C ASP B 106 -5.10 -3.87 -21.92
N GLY B 107 -3.81 -3.75 -22.31
CA GLY B 107 -3.26 -2.52 -22.98
C GLY B 107 -2.72 -1.42 -22.09
N GLY B 108 -2.91 -1.54 -20.78
CA GLY B 108 -2.54 -0.43 -19.88
C GLY B 108 -1.08 0.02 -19.89
N VAL B 109 -0.20 -0.95 -19.74
CA VAL B 109 1.24 -0.63 -19.80
C VAL B 109 1.55 -0.01 -21.18
N LEU B 110 1.03 -0.64 -22.26
CA LEU B 110 1.26 -0.12 -23.62
C LEU B 110 0.82 1.36 -23.76
N ARG B 111 -0.36 1.69 -23.21
CA ARG B 111 -0.84 3.08 -23.21
C ARG B 111 0.20 3.98 -22.62
N GLU B 112 0.75 3.58 -21.48
CA GLU B 112 1.78 4.44 -20.82
C GLU B 112 3.12 4.54 -21.62
N VAL B 113 3.60 3.40 -22.16
CA VAL B 113 4.79 3.34 -22.97
C VAL B 113 4.63 4.30 -24.16
N LEU B 114 3.42 4.34 -24.80
CA LEU B 114 3.31 5.10 -26.02
C LEU B 114 3.14 6.55 -25.73
N ARG B 115 3.07 6.97 -24.47
CA ARG B 115 3.18 8.42 -24.25
C ARG B 115 4.57 8.95 -24.58
N HIS B 116 5.61 8.10 -24.55
CA HIS B 116 7.03 8.50 -24.81
C HIS B 116 7.25 8.70 -26.28
N GLY B 117 7.68 9.93 -26.59
CA GLY B 117 8.01 10.17 -28.00
C GLY B 117 9.28 9.55 -28.48
N THR B 118 10.12 8.97 -27.62
CA THR B 118 11.31 8.22 -28.12
C THR B 118 10.90 6.83 -28.71
N VAL B 119 9.74 6.31 -28.29
CA VAL B 119 9.41 4.94 -28.71
C VAL B 119 9.08 4.91 -30.22
N GLU B 120 9.84 4.12 -30.97
CA GLU B 120 9.52 3.85 -32.39
C GLU B 120 8.51 2.74 -32.52
N HIS B 121 8.63 1.68 -31.71
CA HIS B 121 7.74 0.59 -31.79
C HIS B 121 7.68 -0.18 -30.52
N CYS B 122 6.49 -0.73 -30.19
CA CYS B 122 6.39 -1.64 -29.04
C CYS B 122 5.69 -2.89 -29.49
N ASP B 123 6.29 -4.01 -29.15
CA ASP B 123 5.66 -5.34 -29.46
C ASP B 123 4.96 -5.80 -28.19
N LEU B 124 3.76 -6.37 -28.26
CA LEU B 124 3.06 -6.90 -27.10
C LEU B 124 2.58 -8.29 -27.41
N VAL B 125 2.92 -9.24 -26.50
CA VAL B 125 2.64 -10.68 -26.77
C VAL B 125 1.97 -11.23 -25.50
N ASP B 126 0.65 -11.46 -25.58
CA ASP B 126 -0.13 -12.06 -24.47
C ASP B 126 -0.70 -13.37 -24.94
N ILE B 127 -0.64 -14.37 -24.08
CA ILE B 127 -1.08 -15.71 -24.50
C ILE B 127 -2.61 -15.79 -24.76
N ASP B 128 -3.36 -14.87 -24.19
CA ASP B 128 -4.82 -15.01 -24.16
C ASP B 128 -5.52 -13.93 -24.95
N GLY B 129 -5.81 -14.30 -26.22
CA GLY B 129 -6.48 -13.36 -27.12
C GLY B 129 -7.83 -12.78 -26.66
N GLU B 130 -8.49 -13.51 -25.77
CA GLU B 130 -9.82 -13.05 -25.29
C GLU B 130 -9.63 -11.86 -24.28
N VAL B 131 -8.47 -11.84 -23.62
CA VAL B 131 -8.24 -10.64 -22.75
C VAL B 131 -8.19 -9.34 -23.55
N MET B 132 -7.50 -9.37 -24.72
CA MET B 132 -7.46 -8.13 -25.51
C MET B 132 -8.90 -7.77 -25.99
N GLU B 133 -9.63 -8.79 -26.42
CA GLU B 133 -10.99 -8.56 -27.01
C GLU B 133 -11.90 -7.97 -25.94
N GLN B 134 -11.85 -8.51 -24.72
CA GLN B 134 -12.76 -8.02 -23.70
C GLN B 134 -12.29 -6.73 -23.12
N SER B 135 -10.98 -6.45 -23.21
CA SER B 135 -10.52 -5.16 -22.76
C SER B 135 -10.98 -4.06 -23.73
N LYS B 136 -10.97 -4.39 -25.05
CA LYS B 136 -11.46 -3.45 -26.02
C LYS B 136 -12.94 -3.19 -25.78
N GLN B 137 -13.66 -4.21 -25.35
CA GLN B 137 -15.13 -4.04 -25.20
C GLN B 137 -15.54 -3.33 -23.90
N HIS B 138 -14.89 -3.68 -22.82
CA HIS B 138 -15.30 -3.25 -21.47
C HIS B 138 -14.38 -2.26 -20.78
N PHE B 139 -13.13 -2.08 -21.28
CA PHE B 139 -12.17 -1.14 -20.66
C PHE B 139 -11.52 -0.28 -21.74
N PRO B 140 -12.34 0.45 -22.50
CA PRO B 140 -11.73 1.24 -23.56
C PRO B 140 -10.70 2.28 -23.13
N GLN B 141 -10.71 2.77 -21.90
CA GLN B 141 -9.72 3.74 -21.53
C GLN B 141 -8.37 3.06 -21.28
N ILE B 142 -8.43 1.74 -20.99
CA ILE B 142 -7.15 0.99 -20.78
C ILE B 142 -6.64 0.47 -22.09
N SER B 143 -7.55 0.01 -22.98
CA SER B 143 -7.20 -0.67 -24.23
C SER B 143 -6.99 0.23 -25.47
N ARG B 144 -7.02 1.58 -25.20
CA ARG B 144 -7.05 2.61 -26.23
C ARG B 144 -5.81 2.63 -27.12
N SER B 145 -4.74 1.93 -26.73
CA SER B 145 -3.59 1.94 -27.60
C SER B 145 -3.33 0.59 -28.25
N LEU B 146 -4.13 -0.47 -28.03
CA LEU B 146 -3.77 -1.74 -28.61
C LEU B 146 -3.71 -1.69 -30.15
N ALA B 147 -4.51 -0.76 -30.79
CA ALA B 147 -4.51 -0.73 -32.25
C ALA B 147 -3.56 0.42 -32.77
N ASP B 148 -2.70 0.99 -31.89
CA ASP B 148 -1.81 2.02 -32.37
C ASP B 148 -0.86 1.49 -33.43
N PRO B 149 -0.53 2.33 -34.42
CA PRO B 149 0.44 1.94 -35.45
C PRO B 149 1.88 1.66 -34.94
N ARG B 150 2.17 2.18 -33.76
CA ARG B 150 3.47 1.96 -33.16
C ARG B 150 3.45 0.69 -32.34
N ALA B 151 2.34 -0.02 -32.26
CA ALA B 151 2.32 -1.28 -31.51
C ALA B 151 2.05 -2.44 -32.51
N THR B 152 2.61 -3.59 -32.12
CA THR B 152 2.21 -4.83 -32.83
C THR B 152 1.84 -5.83 -31.75
N VAL B 153 0.57 -6.26 -31.76
CA VAL B 153 0.01 -7.18 -30.75
C VAL B 153 -0.08 -8.57 -31.30
N ARG B 154 0.55 -9.51 -30.65
CA ARG B 154 0.44 -10.92 -31.07
C ARG B 154 -0.09 -11.76 -29.93
N VAL B 155 -0.76 -12.84 -30.31
CA VAL B 155 -1.30 -13.80 -29.34
C VAL B 155 -0.41 -15.01 -29.30
N GLY B 156 0.26 -15.22 -28.18
CA GLY B 156 1.22 -16.31 -28.05
C GLY B 156 1.84 -16.37 -26.71
N ASP B 157 2.43 -17.52 -26.38
CA ASP B 157 3.15 -17.60 -25.09
C ASP B 157 4.42 -16.75 -25.13
N GLY B 158 4.61 -15.86 -24.12
CA GLY B 158 5.79 -15.05 -24.08
C GLY B 158 7.10 -15.87 -23.92
N LEU B 159 7.01 -17.09 -23.33
CA LEU B 159 8.20 -17.95 -23.14
C LEU B 159 8.80 -18.29 -24.56
N ALA B 160 7.92 -18.75 -25.47
CA ALA B 160 8.37 -19.00 -26.83
C ALA B 160 8.81 -17.73 -27.58
N PHE B 161 8.06 -16.67 -27.35
CA PHE B 161 8.37 -15.46 -28.11
C PHE B 161 9.80 -14.89 -27.80
N VAL B 162 10.17 -14.85 -26.53
CA VAL B 162 11.49 -14.43 -26.20
C VAL B 162 12.59 -15.42 -26.64
N ARG B 163 12.26 -16.76 -26.63
CA ARG B 163 13.22 -17.74 -27.12
C ARG B 163 13.49 -17.55 -28.61
N GLN B 164 12.48 -17.12 -29.34
CA GLN B 164 12.63 -16.96 -30.83
C GLN B 164 13.30 -15.62 -31.22
N THR B 165 13.15 -14.58 -30.35
CA THR B 165 13.59 -13.23 -30.65
C THR B 165 15.13 -13.21 -30.66
N PRO B 166 15.72 -12.53 -31.69
CA PRO B 166 17.18 -12.46 -31.75
C PRO B 166 17.83 -11.63 -30.65
N ASP B 167 19.11 -11.89 -30.42
CA ASP B 167 19.85 -11.13 -29.42
C ASP B 167 19.77 -9.59 -29.71
N ASN B 168 19.85 -8.79 -28.66
CA ASN B 168 20.03 -7.33 -28.84
C ASN B 168 18.95 -6.67 -29.68
N THR B 169 17.66 -6.96 -29.36
CA THR B 169 16.48 -6.47 -30.09
C THR B 169 15.85 -5.28 -29.38
N TYR B 170 15.77 -5.33 -28.05
CA TYR B 170 14.93 -4.42 -27.35
C TYR B 170 15.72 -3.51 -26.38
N ASP B 171 15.25 -2.25 -26.27
CA ASP B 171 15.78 -1.41 -25.23
C ASP B 171 15.12 -1.63 -23.90
N VAL B 172 13.82 -1.94 -23.86
CA VAL B 172 13.18 -2.19 -22.59
C VAL B 172 12.24 -3.39 -22.77
N VAL B 173 12.19 -4.26 -21.74
CA VAL B 173 11.26 -5.42 -21.75
C VAL B 173 10.46 -5.31 -20.47
N ILE B 174 9.12 -5.27 -20.64
CA ILE B 174 8.24 -5.13 -19.47
C ILE B 174 7.39 -6.43 -19.39
N ILE B 175 7.42 -7.08 -18.25
CA ILE B 175 6.82 -8.41 -18.12
C ILE B 175 5.61 -8.29 -17.20
N ASP B 176 4.48 -7.99 -17.82
CA ASP B 176 3.24 -7.69 -17.07
C ASP B 176 2.35 -8.92 -17.08
N THR B 177 2.65 -9.81 -16.12
CA THR B 177 1.97 -11.12 -16.12
C THR B 177 0.89 -11.24 -15.01
N THR B 178 0.04 -12.28 -15.16
CA THR B 178 -0.71 -12.81 -14.03
C THR B 178 0.24 -13.40 -13.02
N ASP B 179 -0.30 -13.69 -11.84
CA ASP B 179 0.52 -14.43 -10.83
C ASP B 179 0.94 -15.86 -11.29
N PRO B 180 1.82 -16.53 -10.52
CA PRO B 180 2.49 -17.70 -11.11
C PRO B 180 1.56 -18.88 -11.34
N ALA B 181 0.47 -19.01 -10.55
CA ALA B 181 -0.45 -20.14 -10.85
C ALA B 181 -1.22 -19.87 -12.12
N GLY B 182 -1.09 -20.78 -13.12
CA GLY B 182 -1.68 -20.49 -14.40
C GLY B 182 -0.62 -20.44 -15.50
N PRO B 183 -0.97 -19.78 -16.61
CA PRO B 183 -0.11 -19.85 -17.77
C PRO B 183 1.09 -18.96 -17.63
N ALA B 184 1.16 -18.13 -16.53
CA ALA B 184 2.37 -17.36 -16.39
C ALA B 184 3.53 -18.07 -15.62
N SER B 185 3.29 -19.33 -15.23
CA SER B 185 4.23 -20.04 -14.33
C SER B 185 5.71 -19.95 -14.75
N LYS B 186 6.01 -20.28 -16.02
CA LYS B 186 7.39 -20.34 -16.43
C LYS B 186 8.03 -18.92 -16.60
N LEU B 187 7.15 -17.91 -16.65
CA LEU B 187 7.61 -16.55 -16.81
C LEU B 187 8.14 -16.01 -15.44
N PHE B 188 8.05 -16.81 -14.39
CA PHE B 188 8.74 -16.49 -13.12
C PHE B 188 10.01 -17.32 -12.90
N GLY B 189 10.49 -17.96 -14.00
CA GLY B 189 11.58 -18.91 -13.93
C GLY B 189 12.82 -18.45 -14.64
N GLU B 190 13.94 -19.11 -14.30
CA GLU B 190 15.27 -18.72 -14.80
C GLU B 190 15.49 -18.84 -16.27
N ALA B 191 14.90 -19.85 -16.91
CA ALA B 191 15.14 -19.96 -18.38
C ALA B 191 14.55 -18.72 -19.14
N PHE B 192 13.38 -18.30 -18.72
CA PHE B 192 12.76 -17.13 -19.36
C PHE B 192 13.68 -15.94 -19.14
N TYR B 193 14.17 -15.67 -17.91
CA TYR B 193 15.04 -14.49 -17.73
C TYR B 193 16.40 -14.51 -18.48
N LYS B 194 16.94 -15.74 -18.68
CA LYS B 194 18.14 -15.88 -19.58
C LYS B 194 17.84 -15.32 -20.97
N ASP B 195 16.66 -15.62 -21.49
CA ASP B 195 16.23 -15.04 -22.76
C ASP B 195 15.95 -13.54 -22.70
N VAL B 196 15.32 -13.08 -21.59
CA VAL B 196 15.15 -11.63 -21.52
C VAL B 196 16.45 -10.92 -21.54
N LEU B 197 17.45 -11.37 -20.77
CA LEU B 197 18.79 -10.80 -20.88
C LEU B 197 19.36 -10.73 -22.25
N ARG B 198 19.20 -11.88 -22.89
CA ARG B 198 19.82 -12.02 -24.21
C ARG B 198 19.18 -11.07 -25.28
N ILE B 199 17.86 -10.92 -25.19
CA ILE B 199 17.17 -10.09 -26.22
C ILE B 199 17.30 -8.59 -25.92
N LEU B 200 17.69 -8.20 -24.72
CA LEU B 200 18.02 -6.80 -24.50
C LEU B 200 19.31 -6.38 -25.19
N LYS B 201 19.30 -5.12 -25.70
CA LYS B 201 20.59 -4.48 -26.13
C LYS B 201 21.46 -4.23 -24.90
N PRO B 202 22.74 -3.88 -25.12
CA PRO B 202 23.73 -3.85 -24.02
C PRO B 202 23.30 -2.90 -22.88
N ASP B 203 22.57 -1.83 -23.20
CA ASP B 203 22.12 -0.86 -22.19
C ASP B 203 20.62 -1.02 -21.91
N GLY B 204 20.15 -2.28 -22.13
CA GLY B 204 18.70 -2.55 -21.87
C GLY B 204 18.29 -2.52 -20.40
N ILE B 205 16.99 -2.42 -20.24
CA ILE B 205 16.24 -2.41 -18.92
C ILE B 205 15.11 -3.39 -18.97
N CYS B 206 14.90 -4.16 -17.90
CA CYS B 206 13.63 -4.85 -17.80
C CYS B 206 12.94 -4.65 -16.50
N CYS B 207 11.65 -4.74 -16.54
CA CYS B 207 10.92 -4.79 -15.24
C CYS B 207 9.77 -5.83 -15.28
N ASN B 208 9.23 -6.20 -14.11
CA ASN B 208 8.26 -7.30 -14.19
C ASN B 208 7.06 -7.03 -13.22
N GLN B 209 6.21 -8.09 -13.11
CA GLN B 209 5.14 -8.04 -12.08
C GLN B 209 5.78 -8.76 -10.90
N GLY B 210 6.13 -7.94 -9.86
CA GLY B 210 6.98 -8.42 -8.78
C GLY B 210 6.20 -8.76 -7.54
N GLU B 211 4.89 -8.97 -7.64
CA GLU B 211 4.13 -9.72 -6.57
C GLU B 211 4.10 -8.86 -5.27
N SER B 212 3.78 -9.55 -4.18
CA SER B 212 3.59 -8.92 -2.85
C SER B 212 4.70 -9.22 -1.87
N ILE B 213 5.25 -8.16 -1.28
CA ILE B 213 6.21 -8.38 -0.18
C ILE B 213 5.59 -9.04 1.07
N TRP B 214 4.26 -9.02 1.20
CA TRP B 214 3.61 -9.63 2.41
C TRP B 214 3.38 -11.10 2.21
N LEU B 215 3.33 -11.51 0.95
CA LEU B 215 2.86 -12.91 0.63
C LEU B 215 3.93 -13.73 -0.07
N ASP B 216 4.79 -13.05 -0.83
CA ASP B 216 5.63 -13.70 -1.81
C ASP B 216 7.09 -13.45 -1.60
N LEU B 217 7.51 -13.05 -0.40
CA LEU B 217 8.88 -12.57 -0.29
C LEU B 217 9.87 -13.63 -0.60
N GLU B 218 9.57 -14.89 -0.30
CA GLU B 218 10.47 -15.99 -0.69
C GLU B 218 10.71 -16.06 -2.21
N LEU B 219 9.65 -15.99 -3.06
CA LEU B 219 9.83 -16.05 -4.50
C LEU B 219 10.48 -14.77 -4.97
N ILE B 220 10.10 -13.65 -4.37
CA ILE B 220 10.69 -12.37 -4.89
C ILE B 220 12.18 -12.39 -4.67
N GLU B 221 12.63 -12.80 -3.47
CA GLU B 221 14.09 -12.97 -3.20
C GLU B 221 14.76 -13.98 -4.13
N LYS B 222 14.09 -15.11 -4.37
CA LYS B 222 14.64 -16.15 -5.27
C LYS B 222 14.86 -15.55 -6.66
N MET B 223 13.87 -14.83 -7.11
CA MET B 223 14.00 -14.22 -8.50
C MET B 223 15.10 -13.15 -8.51
N SER B 224 15.24 -12.30 -7.48
CA SER B 224 16.29 -11.27 -7.52
C SER B 224 17.65 -11.96 -7.63
N ARG B 225 17.80 -13.04 -6.88
CA ARG B 225 19.09 -13.80 -6.93
C ARG B 225 19.41 -14.36 -8.31
N PHE B 226 18.42 -14.98 -8.87
CA PHE B 226 18.70 -15.69 -10.15
C PHE B 226 18.79 -14.66 -11.30
N ILE B 227 18.07 -13.57 -11.19
CA ILE B 227 18.19 -12.53 -12.24
C ILE B 227 19.60 -11.92 -12.24
N ARG B 228 20.14 -11.53 -11.10
CA ARG B 228 21.57 -11.13 -10.95
C ARG B 228 22.50 -12.21 -11.53
N GLU B 229 22.27 -13.48 -11.14
CA GLU B 229 23.20 -14.57 -11.57
C GLU B 229 23.10 -14.83 -13.06
N THR B 230 21.97 -14.53 -13.71
CA THR B 230 21.92 -14.70 -15.19
C THR B 230 22.79 -13.66 -15.92
N GLY B 231 23.11 -12.57 -15.27
CA GLY B 231 23.97 -11.58 -15.81
C GLY B 231 23.46 -10.14 -15.77
N PHE B 232 22.25 -9.87 -15.19
CA PHE B 232 21.92 -8.47 -15.01
C PHE B 232 22.82 -7.81 -13.94
N ALA B 233 23.37 -6.68 -14.25
CA ALA B 233 24.27 -5.95 -13.30
C ALA B 233 23.57 -5.45 -12.08
N SER B 234 22.27 -5.11 -12.15
CA SER B 234 21.62 -4.54 -10.94
C SER B 234 20.12 -4.88 -10.99
N VAL B 235 19.59 -5.22 -9.81
CA VAL B 235 18.17 -5.54 -9.70
C VAL B 235 17.70 -4.77 -8.49
N GLN B 236 16.68 -3.88 -8.69
CA GLN B 236 16.18 -3.09 -7.49
C GLN B 236 14.66 -3.19 -7.57
N TYR B 237 14.04 -3.35 -6.40
CA TYR B 237 12.55 -3.56 -6.29
C TYR B 237 11.88 -2.25 -5.95
N ALA B 238 10.88 -1.90 -6.78
CA ALA B 238 10.06 -0.69 -6.57
C ALA B 238 8.68 -1.14 -6.08
N LEU B 239 8.14 -0.46 -5.03
CA LEU B 239 6.86 -0.83 -4.40
C LEU B 239 5.85 0.22 -4.75
N MET B 240 4.63 -0.21 -4.91
CA MET B 240 3.54 0.73 -5.24
C MET B 240 2.26 0.40 -4.51
N HIS B 241 1.36 1.37 -4.47
CA HIS B 241 0.04 1.23 -3.79
C HIS B 241 -1.04 0.85 -4.75
N VAL B 242 -1.47 -0.42 -4.73
CA VAL B 242 -2.60 -0.86 -5.56
C VAL B 242 -3.64 -1.61 -4.71
N PRO B 243 -4.75 -0.94 -4.49
CA PRO B 243 -5.69 -1.52 -3.51
C PRO B 243 -6.23 -2.92 -3.91
N THR B 244 -6.32 -3.16 -5.23
CA THR B 244 -6.97 -4.41 -5.70
C THR B 244 -5.95 -5.43 -6.14
N TYR B 245 -4.73 -5.35 -5.60
CA TYR B 245 -3.87 -6.49 -5.57
C TYR B 245 -3.77 -7.04 -4.14
N PRO B 246 -3.65 -8.38 -3.94
CA PRO B 246 -3.77 -8.84 -2.53
C PRO B 246 -2.76 -8.17 -1.61
N CYS B 247 -3.27 -7.72 -0.44
CA CYS B 247 -2.56 -6.99 0.62
C CYS B 247 -2.29 -5.52 0.26
N GLY B 248 -2.67 -5.09 -0.97
CA GLY B 248 -2.64 -3.63 -1.25
C GLY B 248 -1.40 -3.04 -1.83
N SER B 249 -0.38 -3.85 -1.94
CA SER B 249 0.82 -3.36 -2.63
C SER B 249 1.38 -4.36 -3.56
N ILE B 250 1.95 -3.83 -4.60
CA ILE B 250 2.58 -4.71 -5.57
C ILE B 250 3.91 -4.11 -5.86
N GLY B 251 4.87 -4.91 -6.34
CA GLY B 251 6.16 -4.33 -6.74
C GLY B 251 6.53 -4.73 -8.13
N THR B 252 7.70 -4.26 -8.49
CA THR B 252 8.32 -4.58 -9.77
C THR B 252 9.86 -4.66 -9.60
N LEU B 253 10.46 -5.74 -10.12
CA LEU B 253 11.93 -5.80 -10.06
C LEU B 253 12.41 -5.07 -11.29
N VAL B 254 13.18 -3.99 -11.06
CA VAL B 254 13.70 -3.18 -12.19
C VAL B 254 15.17 -3.51 -12.35
N CYS B 255 15.49 -4.01 -13.53
CA CYS B 255 16.76 -4.69 -13.73
C CYS B 255 17.52 -4.01 -14.81
N SER B 256 18.86 -3.76 -14.58
CA SER B 256 19.68 -3.14 -15.62
C SER B 256 20.64 -4.16 -16.18
N LYS B 257 20.68 -4.34 -17.50
CA LYS B 257 21.69 -5.23 -18.07
C LYS B 257 23.09 -4.72 -17.80
N LYS B 258 23.29 -3.43 -18.06
CA LYS B 258 24.63 -2.83 -17.89
C LYS B 258 24.88 -2.41 -16.48
N ALA B 259 26.15 -2.46 -16.10
CA ALA B 259 26.59 -1.77 -14.90
C ALA B 259 26.60 -0.27 -15.05
N GLY B 260 26.69 0.43 -13.87
CA GLY B 260 26.80 1.86 -13.88
C GLY B 260 25.44 2.60 -13.95
N VAL B 261 24.37 1.84 -13.80
CA VAL B 261 23.01 2.38 -13.99
C VAL B 261 22.32 2.38 -12.63
N ASP B 262 21.82 3.55 -12.21
CA ASP B 262 21.07 3.65 -10.98
C ASP B 262 19.60 3.85 -11.33
N VAL B 263 18.86 2.71 -11.44
CA VAL B 263 17.46 2.86 -11.85
C VAL B 263 16.63 3.54 -10.79
N THR B 264 17.20 3.80 -9.61
CA THR B 264 16.35 4.29 -8.51
C THR B 264 16.19 5.83 -8.55
N LYS B 265 16.97 6.52 -9.40
CA LYS B 265 16.85 7.96 -9.58
C LYS B 265 16.58 8.16 -11.07
N PRO B 266 15.52 8.89 -11.46
CA PRO B 266 15.20 8.96 -12.89
C PRO B 266 16.33 9.51 -13.73
N LEU B 267 16.64 8.82 -14.81
CA LEU B 267 17.70 9.26 -15.68
C LEU B 267 17.19 10.38 -16.58
N ARG B 268 15.95 10.20 -17.07
CA ARG B 268 15.24 11.17 -17.90
C ARG B 268 13.94 11.49 -17.15
N PRO B 269 13.96 12.52 -16.31
CA PRO B 269 12.77 12.79 -15.52
C PRO B 269 11.53 13.05 -16.31
N VAL B 270 10.40 12.51 -15.87
CA VAL B 270 9.15 12.71 -16.62
C VAL B 270 8.75 14.21 -16.76
N GLU B 271 9.10 14.97 -15.74
CA GLU B 271 8.71 16.37 -15.66
C GLU B 271 9.26 17.14 -16.86
N ASP B 272 10.31 16.66 -17.51
CA ASP B 272 10.83 17.36 -18.74
C ASP B 272 10.04 16.88 -19.99
N MET B 273 9.04 16.02 -19.80
CA MET B 273 8.29 15.41 -20.92
C MET B 273 6.90 16.02 -20.99
N PRO B 274 6.30 16.19 -22.17
CA PRO B 274 5.01 16.88 -22.23
C PRO B 274 3.79 16.30 -21.57
N PHE B 275 3.85 15.01 -21.24
CA PHE B 275 2.68 14.35 -20.69
C PHE B 275 2.77 14.17 -19.16
N ALA B 276 3.81 14.73 -18.50
CA ALA B 276 3.91 14.49 -17.01
C ALA B 276 2.62 14.91 -16.31
N LYS B 277 2.03 16.01 -16.75
CA LYS B 277 0.78 16.44 -16.10
C LYS B 277 -0.46 15.64 -16.33
N ASP B 278 -0.46 14.69 -17.27
CA ASP B 278 -1.59 13.86 -17.50
C ASP B 278 -1.58 12.62 -16.54
N LEU B 279 -0.46 12.41 -15.87
CA LEU B 279 -0.38 11.16 -15.06
C LEU B 279 -1.15 11.34 -13.74
N LYS B 280 -1.66 10.23 -13.19
CA LYS B 280 -2.46 10.32 -11.94
C LYS B 280 -1.72 9.78 -10.72
N TYR B 281 -0.61 9.07 -10.94
CA TYR B 281 0.17 8.55 -9.84
C TYR B 281 1.62 8.93 -9.92
N TYR B 282 2.27 8.55 -10.98
CA TYR B 282 3.71 8.64 -11.09
C TYR B 282 4.27 10.06 -11.39
N ASP B 283 5.36 10.31 -10.70
CA ASP B 283 6.24 11.48 -10.98
C ASP B 283 7.62 11.12 -10.46
N SER B 284 8.58 12.03 -10.59
CA SER B 284 9.96 11.70 -10.15
C SER B 284 10.08 11.49 -8.62
N GLU B 285 9.31 12.22 -7.80
CA GLU B 285 9.38 11.98 -6.40
C GLU B 285 8.81 10.59 -6.03
N MET B 286 7.71 10.21 -6.72
CA MET B 286 7.16 8.88 -6.47
C MET B 286 8.15 7.81 -7.02
N HIS B 287 8.81 8.03 -8.17
CA HIS B 287 9.82 7.07 -8.60
C HIS B 287 10.89 6.84 -7.57
N LYS B 288 11.45 7.93 -7.00
CA LYS B 288 12.51 7.73 -5.97
C LYS B 288 11.99 7.09 -4.73
N ALA B 289 10.77 7.50 -4.31
CA ALA B 289 10.24 6.96 -3.06
C ALA B 289 9.93 5.44 -3.23
N SER B 290 9.65 4.98 -4.44
CA SER B 290 9.14 3.58 -4.61
C SER B 290 10.22 2.61 -4.28
N PHE B 291 11.51 3.01 -4.34
CA PHE B 291 12.60 2.13 -4.03
C PHE B 291 13.01 2.05 -2.60
N ALA B 292 12.38 2.88 -1.72
CA ALA B 292 12.53 2.69 -0.28
C ALA B 292 11.66 1.50 0.18
N LEU B 293 12.30 0.49 0.77
CA LEU B 293 11.58 -0.76 1.16
C LEU B 293 11.50 -0.82 2.69
N PRO B 294 10.38 -1.37 3.18
CA PRO B 294 10.32 -1.65 4.62
C PRO B 294 11.50 -2.55 5.04
N ARG B 295 11.96 -2.40 6.29
CA ARG B 295 13.16 -3.18 6.68
C ARG B 295 13.01 -4.68 6.39
N PHE B 296 11.84 -5.28 6.60
CA PHE B 296 11.74 -6.72 6.41
C PHE B 296 11.95 -7.16 4.98
N ALA B 297 11.71 -6.19 4.07
CA ALA B 297 11.77 -6.52 2.62
C ALA B 297 13.10 -6.09 2.06
N ARG B 298 13.97 -5.51 2.87
CA ARG B 298 15.18 -4.89 2.32
C ARG B 298 16.14 -5.84 1.63
N HIS B 299 16.04 -7.17 1.93
CA HIS B 299 17.01 -8.11 1.37
C HIS B 299 16.62 -8.50 -0.10
N ILE B 300 15.62 -7.91 -0.63
CA ILE B 300 15.58 -7.82 -2.11
C ILE B 300 16.67 -6.58 -2.55
N ASN B 301 16.80 -5.46 -1.87
CA ASN B 301 17.56 -4.31 -2.55
C ASN B 301 19.01 -4.16 -2.12
N ASN B 302 19.27 -4.49 -0.86
CA ASN B 302 20.61 -4.51 -0.22
C ASN B 302 20.82 -3.27 0.62
#